data_7PE3
#
_entry.id   7PE3
#
_cell.length_a   1.00
_cell.length_b   1.00
_cell.length_c   1.00
_cell.angle_alpha   90.00
_cell.angle_beta   90.00
_cell.angle_gamma   90.00
#
_symmetry.space_group_name_H-M   'P 1'
#
_entity_poly.entity_id   1
_entity_poly.type   'polypeptide(L)'
_entity_poly.pdbx_seq_one_letter_code
;MDRRFPPFSPFFNHGRFFDDVDFDRHMIRPYWADQTMLTGHRVGDAIDVVNNDQEYNVSVDVSQFEPEELKVNIVDNQLI
IEGKHNEKTDKYGQVERHFVRKYNLPTGVRPEQIKSELSNNGVLTVKYEKNQEQQPKSIPITIVPKRN
;
_entity_poly.pdbx_strand_id   A,B
#
# COMPACT_ATOMS: atom_id res chain seq x y z
N MET A 1 -7.62 -16.45 -4.90
CA MET A 1 -6.62 -16.86 -5.88
C MET A 1 -5.22 -16.69 -5.30
N ASP A 2 -4.32 -17.60 -5.64
CA ASP A 2 -2.93 -17.56 -5.19
C ASP A 2 -2.86 -17.56 -3.65
N ARG A 3 -3.74 -18.33 -3.01
CA ARG A 3 -3.79 -18.40 -1.57
C ARG A 3 -3.71 -19.82 -1.01
N ARG A 4 -4.21 -20.81 -1.75
CA ARG A 4 -4.24 -22.20 -1.29
C ARG A 4 -4.18 -23.10 -2.51
N PHE A 5 -4.53 -24.38 -2.32
CA PHE A 5 -4.61 -25.36 -3.40
C PHE A 5 -5.90 -25.26 -4.22
N PRO A 6 -7.08 -25.13 -3.62
CA PRO A 6 -8.31 -25.06 -4.43
C PRO A 6 -8.42 -23.83 -5.32
N PRO A 7 -7.75 -22.68 -5.02
CA PRO A 7 -7.65 -21.67 -6.07
C PRO A 7 -6.60 -22.03 -7.12
N PHE A 8 -6.32 -21.12 -8.04
CA PHE A 8 -5.32 -21.28 -9.08
C PHE A 8 -5.64 -22.47 -9.99
N SER A 9 -6.80 -22.38 -10.64
CA SER A 9 -7.16 -23.36 -11.66
C SER A 9 -6.22 -23.24 -12.86
N PRO A 10 -6.00 -24.34 -13.61
CA PRO A 10 -6.59 -25.68 -13.44
C PRO A 10 -5.88 -26.53 -12.41
N PHE A 11 -4.90 -25.97 -11.70
CA PHE A 11 -4.20 -26.68 -10.64
C PHE A 11 -5.14 -26.76 -9.43
N PHE A 12 -6.10 -27.68 -9.54
CA PHE A 12 -7.19 -27.77 -8.56
C PHE A 12 -7.59 -29.24 -8.48
N ASN A 13 -7.02 -29.96 -7.51
CA ASN A 13 -7.20 -31.41 -7.44
C ASN A 13 -8.57 -31.82 -6.91
N HIS A 14 -9.35 -30.90 -6.35
CA HIS A 14 -10.63 -31.25 -5.73
C HIS A 14 -11.79 -31.17 -6.73
N GLY A 15 -11.65 -31.86 -7.85
CA GLY A 15 -12.71 -31.93 -8.83
C GLY A 15 -12.27 -31.60 -10.25
N ARG A 16 -11.39 -30.60 -10.38
CA ARG A 16 -10.72 -30.22 -11.62
C ARG A 16 -11.64 -29.65 -12.69
N PHE A 17 -12.96 -29.58 -12.46
CA PHE A 17 -13.89 -29.25 -13.53
C PHE A 17 -14.60 -27.91 -13.31
N PHE A 18 -15.38 -27.77 -12.23
CA PHE A 18 -16.24 -26.60 -12.08
C PHE A 18 -16.34 -26.05 -10.67
N ASP A 19 -15.59 -26.58 -9.70
CA ASP A 19 -15.85 -26.22 -8.31
C ASP A 19 -15.29 -24.85 -7.96
N ASP A 20 -13.98 -24.66 -8.12
CA ASP A 20 -13.30 -23.46 -7.65
C ASP A 20 -12.47 -22.82 -8.75
N VAL A 21 -13.07 -22.64 -9.92
CA VAL A 21 -12.45 -21.91 -11.02
C VAL A 21 -12.99 -20.49 -11.00
N ASP A 22 -12.09 -19.52 -10.88
CA ASP A 22 -12.48 -18.12 -10.74
C ASP A 22 -11.40 -17.25 -11.37
N PHE A 23 -11.71 -15.97 -11.56
CA PHE A 23 -10.78 -15.02 -12.14
C PHE A 23 -9.64 -14.74 -11.17
N ASP A 24 -8.60 -14.09 -11.68
CA ASP A 24 -7.41 -13.77 -10.90
C ASP A 24 -7.57 -12.48 -10.09
N ARG A 25 -8.79 -11.96 -9.99
CA ARG A 25 -9.02 -10.75 -9.19
C ARG A 25 -8.78 -10.98 -7.71
N HIS A 26 -8.75 -12.23 -7.25
CA HIS A 26 -8.53 -12.55 -5.84
C HIS A 26 -7.05 -12.75 -5.51
N MET A 27 -6.15 -12.15 -6.29
CA MET A 27 -4.71 -12.29 -6.03
C MET A 27 -4.34 -11.61 -4.71
N ILE A 28 -4.96 -10.46 -4.41
CA ILE A 28 -4.64 -9.71 -3.21
C ILE A 28 -5.32 -10.27 -1.96
N ARG A 29 -6.14 -11.31 -2.08
CA ARG A 29 -6.85 -11.85 -0.92
C ARG A 29 -5.91 -12.24 0.22
N PRO A 30 -4.79 -12.94 0.00
CA PRO A 30 -3.87 -13.18 1.14
C PRO A 30 -3.37 -11.90 1.78
N TYR A 31 -3.14 -10.84 0.99
CA TYR A 31 -2.69 -9.57 1.52
C TYR A 31 -3.84 -8.67 1.98
N TRP A 32 -5.09 -9.07 1.71
CA TRP A 32 -6.23 -8.28 2.18
C TRP A 32 -6.28 -8.22 3.70
N ALA A 33 -6.06 -9.36 4.35
CA ALA A 33 -6.06 -9.44 5.81
C ALA A 33 -4.64 -9.35 6.38
N ASP A 34 -3.63 -9.13 5.54
CA ASP A 34 -2.25 -9.02 5.97
C ASP A 34 -1.85 -7.55 5.87
N GLN A 35 -1.47 -6.97 7.01
CA GLN A 35 -1.08 -5.56 7.07
C GLN A 35 0.38 -5.34 7.38
N THR A 36 0.94 -6.06 8.37
CA THR A 36 2.35 -5.93 8.73
C THR A 36 3.16 -6.63 7.65
N MET A 37 3.30 -5.96 6.52
CA MET A 37 3.84 -6.56 5.31
C MET A 37 4.29 -5.47 4.35
N LEU A 38 4.87 -5.88 3.23
CA LEU A 38 5.60 -4.97 2.35
C LEU A 38 4.86 -4.88 1.02
N THR A 39 5.44 -4.23 0.01
CA THR A 39 4.71 -4.03 -1.24
C THR A 39 4.57 -5.35 -1.99
N GLY A 40 3.86 -6.30 -1.40
CA GLY A 40 3.82 -7.64 -1.93
C GLY A 40 5.20 -8.24 -2.09
N HIS A 41 6.07 -8.04 -1.10
CA HIS A 41 7.40 -8.70 -1.07
C HIS A 41 8.40 -8.56 -2.26
N ARG A 42 8.81 -7.34 -2.60
CA ARG A 42 9.87 -7.13 -3.60
C ARG A 42 10.62 -5.92 -3.10
N VAL A 43 11.72 -5.53 -3.75
CA VAL A 43 12.40 -4.41 -3.12
C VAL A 43 11.85 -3.30 -4.02
N GLY A 44 11.16 -2.35 -3.43
CA GLY A 44 10.65 -1.21 -4.15
C GLY A 44 9.44 -1.53 -5.00
N ASP A 45 8.97 -0.51 -5.72
CA ASP A 45 7.82 -0.64 -6.60
C ASP A 45 8.22 -0.81 -8.07
N ALA A 46 8.99 0.14 -8.60
CA ALA A 46 9.47 0.06 -9.97
C ALA A 46 10.77 -0.73 -9.98
N ILE A 47 10.71 -1.97 -10.47
CA ILE A 47 11.86 -2.86 -10.39
C ILE A 47 13.03 -2.31 -11.19
N ASP A 48 12.79 -1.94 -12.45
CA ASP A 48 13.86 -1.43 -13.30
C ASP A 48 13.25 -0.61 -14.43
N VAL A 49 14.08 0.28 -14.98
CA VAL A 49 13.72 1.07 -16.15
C VAL A 49 14.82 0.84 -17.17
N VAL A 50 14.54 0.03 -18.18
CA VAL A 50 15.51 -0.27 -19.23
C VAL A 50 15.28 0.68 -20.39
N ASN A 51 16.32 1.43 -20.74
CA ASN A 51 16.24 2.41 -21.83
C ASN A 51 17.53 2.31 -22.65
N ASN A 52 17.48 1.48 -23.69
CA ASN A 52 18.63 1.31 -24.58
C ASN A 52 18.20 1.37 -26.03
N ASP A 53 19.11 1.02 -26.94
CA ASP A 53 18.86 1.12 -28.37
C ASP A 53 18.12 -0.09 -28.94
N GLN A 54 17.81 -1.09 -28.11
CA GLN A 54 17.14 -2.30 -28.59
C GLN A 54 15.82 -2.59 -27.89
N GLU A 55 15.60 -2.08 -26.68
CA GLU A 55 14.37 -2.37 -25.95
C GLU A 55 14.08 -1.25 -24.97
N TYR A 56 12.84 -1.24 -24.48
CA TYR A 56 12.40 -0.31 -23.44
C TYR A 56 11.44 -1.07 -22.53
N ASN A 57 11.98 -1.62 -21.44
CA ASN A 57 11.22 -2.45 -20.51
C ASN A 57 11.24 -1.81 -19.13
N VAL A 58 10.06 -1.63 -18.54
CA VAL A 58 9.91 -1.11 -17.19
C VAL A 58 9.01 -2.05 -16.41
N SER A 59 9.49 -2.51 -15.26
CA SER A 59 8.75 -3.42 -14.41
C SER A 59 8.34 -2.71 -13.13
N VAL A 60 7.05 -2.78 -12.80
CA VAL A 60 6.49 -2.11 -11.64
C VAL A 60 5.81 -3.15 -10.76
N ASP A 61 6.12 -3.11 -9.46
CA ASP A 61 5.46 -3.98 -8.50
C ASP A 61 4.12 -3.38 -8.11
N VAL A 62 3.04 -4.07 -8.48
CA VAL A 62 1.68 -3.57 -8.22
C VAL A 62 0.92 -4.59 -7.39
N SER A 63 1.65 -5.35 -6.57
CA SER A 63 1.03 -6.41 -5.77
C SER A 63 0.11 -5.87 -4.67
N GLN A 64 0.25 -4.60 -4.29
CA GLN A 64 -0.60 -4.02 -3.27
C GLN A 64 -1.89 -3.44 -3.81
N PHE A 65 -2.10 -3.46 -5.12
CA PHE A 65 -3.31 -2.96 -5.75
C PHE A 65 -3.87 -4.02 -6.69
N GLU A 66 -5.19 -4.15 -6.68
CA GLU A 66 -5.85 -5.07 -7.59
C GLU A 66 -5.76 -4.55 -9.02
N PRO A 67 -5.82 -5.43 -10.01
CA PRO A 67 -5.77 -4.97 -11.41
C PRO A 67 -6.88 -3.98 -11.74
N GLU A 68 -8.04 -4.10 -11.10
CA GLU A 68 -9.10 -3.13 -11.31
C GLU A 68 -8.73 -1.75 -10.77
N GLU A 69 -7.90 -1.70 -9.73
CA GLU A 69 -7.48 -0.43 -9.13
C GLU A 69 -6.27 0.17 -9.85
N LEU A 70 -5.75 -0.50 -10.86
CA LEU A 70 -4.57 -0.03 -11.59
C LEU A 70 -4.99 0.47 -12.96
N LYS A 71 -4.61 1.71 -13.26
CA LYS A 71 -4.91 2.33 -14.54
C LYS A 71 -3.73 3.16 -14.99
N VAL A 72 -3.48 3.15 -16.30
CA VAL A 72 -2.31 3.80 -16.88
C VAL A 72 -2.79 4.76 -17.96
N ASN A 73 -2.32 6.01 -17.89
CA ASN A 73 -2.63 7.02 -18.88
C ASN A 73 -1.37 7.80 -19.19
N ILE A 74 -1.37 8.46 -20.35
CA ILE A 74 -0.23 9.26 -20.78
C ILE A 74 -0.69 10.72 -20.87
N VAL A 75 -0.05 11.58 -20.08
CA VAL A 75 -0.40 13.00 -20.02
C VAL A 75 0.85 13.82 -20.29
N ASP A 76 0.85 14.56 -21.40
CA ASP A 76 1.90 15.51 -21.75
C ASP A 76 3.28 14.85 -21.75
N ASN A 77 3.42 13.85 -22.61
CA ASN A 77 4.69 13.16 -22.84
C ASN A 77 5.25 12.56 -21.54
N GLN A 78 4.37 12.00 -20.71
CA GLN A 78 4.78 11.35 -19.49
C GLN A 78 4.01 10.04 -19.32
N LEU A 79 4.74 8.97 -19.04
CA LEU A 79 4.13 7.68 -18.73
C LEU A 79 3.65 7.73 -17.29
N ILE A 80 2.33 7.75 -17.10
CA ILE A 80 1.73 7.90 -15.79
C ILE A 80 1.04 6.60 -15.42
N ILE A 81 1.45 6.00 -14.31
CA ILE A 81 0.82 4.82 -13.75
C ILE A 81 0.28 5.21 -12.38
N GLU A 82 -1.05 5.22 -12.25
CA GLU A 82 -1.69 5.67 -11.03
C GLU A 82 -2.63 4.58 -10.55
N GLY A 83 -2.54 4.24 -9.27
CA GLY A 83 -3.41 3.25 -8.69
C GLY A 83 -3.96 3.67 -7.35
N LYS A 84 -5.29 3.78 -7.25
CA LYS A 84 -5.96 4.20 -6.04
C LYS A 84 -6.94 3.11 -5.62
N HIS A 85 -6.91 2.77 -4.34
CA HIS A 85 -7.84 1.80 -3.78
C HIS A 85 -8.54 2.41 -2.59
N ASN A 86 -9.78 1.98 -2.37
CA ASN A 86 -10.52 2.45 -1.21
C ASN A 86 -9.92 1.90 0.08
N GLU A 87 -10.35 2.46 1.21
CA GLU A 87 -9.87 1.99 2.49
C GLU A 87 -10.26 0.53 2.69
N LYS A 88 -9.29 -0.28 3.11
CA LYS A 88 -9.48 -1.72 3.25
C LYS A 88 -9.36 -2.10 4.72
N THR A 89 -10.31 -2.90 5.20
CA THR A 89 -10.33 -3.34 6.57
C THR A 89 -9.70 -4.73 6.67
N ASP A 90 -8.73 -4.87 7.56
CA ASP A 90 -8.02 -6.12 7.77
C ASP A 90 -8.14 -6.54 9.24
N LYS A 91 -7.40 -7.59 9.61
CA LYS A 91 -7.38 -8.05 10.99
C LYS A 91 -6.75 -7.02 11.93
N TYR A 92 -6.05 -6.04 11.39
CA TYR A 92 -5.36 -5.02 12.18
C TYR A 92 -6.13 -3.71 12.28
N GLY A 93 -6.70 -3.25 11.16
CA GLY A 93 -7.43 -2.00 11.16
C GLY A 93 -7.90 -1.57 9.80
N GLN A 94 -7.74 -0.29 9.48
CA GLN A 94 -8.15 0.26 8.19
C GLN A 94 -7.00 1.04 7.58
N VAL A 95 -6.75 0.81 6.30
CA VAL A 95 -5.66 1.48 5.59
C VAL A 95 -6.14 1.88 4.20
N GLU A 96 -5.78 3.09 3.79
CA GLU A 96 -6.01 3.57 2.43
C GLU A 96 -4.69 4.05 1.85
N ARG A 97 -4.37 3.57 0.65
CA ARG A 97 -3.11 3.90 0.00
C ARG A 97 -3.39 4.48 -1.38
N HIS A 98 -2.51 5.35 -1.84
CA HIS A 98 -2.64 5.95 -3.16
C HIS A 98 -1.27 6.36 -3.66
N PHE A 99 -0.95 5.98 -4.89
CA PHE A 99 0.33 6.32 -5.49
C PHE A 99 0.12 6.91 -6.87
N VAL A 100 0.93 7.93 -7.20
CA VAL A 100 0.91 8.58 -8.49
C VAL A 100 2.32 8.58 -9.05
N ARG A 101 2.44 8.08 -10.28
CA ARG A 101 3.73 8.02 -10.91
C ARG A 101 3.77 8.72 -12.22
N LYS A 102 4.90 9.28 -12.56
CA LYS A 102 5.11 9.90 -13.87
C LYS A 102 6.50 9.51 -14.37
N TYR A 103 6.60 9.29 -15.68
CA TYR A 103 7.86 8.85 -16.26
C TYR A 103 8.06 9.54 -17.60
N ASN A 104 9.26 10.06 -17.82
CA ASN A 104 9.58 10.67 -19.11
C ASN A 104 9.68 9.59 -20.18
N LEU A 105 9.48 10.02 -21.44
CA LEU A 105 9.42 9.12 -22.56
C LEU A 105 10.48 9.45 -23.58
N PRO A 106 11.31 8.49 -24.00
CA PRO A 106 12.32 8.77 -25.02
C PRO A 106 11.67 9.08 -26.36
N THR A 107 12.36 9.91 -27.14
CA THR A 107 11.88 10.25 -28.47
C THR A 107 11.94 9.03 -29.38
N GLY A 108 10.97 8.94 -30.29
CA GLY A 108 10.91 7.83 -31.23
C GLY A 108 10.27 6.57 -30.70
N VAL A 109 9.59 6.63 -29.57
CA VAL A 109 8.92 5.47 -29.00
C VAL A 109 7.48 5.45 -29.52
N ARG A 110 7.13 4.37 -30.22
CA ARG A 110 5.78 4.23 -30.76
C ARG A 110 4.89 3.55 -29.73
N PRO A 111 3.79 4.18 -29.29
CA PRO A 111 2.94 3.55 -28.27
C PRO A 111 1.98 2.51 -28.83
N GLU A 112 1.89 2.39 -30.16
CA GLU A 112 0.93 1.47 -30.77
C GLU A 112 1.31 0.01 -30.60
N GLN A 113 2.56 -0.28 -30.24
CA GLN A 113 3.02 -1.66 -30.06
C GLN A 113 3.57 -1.92 -28.66
N ILE A 114 3.32 -1.03 -27.71
CA ILE A 114 3.78 -1.24 -26.34
C ILE A 114 2.85 -2.21 -25.64
N LYS A 115 3.42 -3.26 -25.07
CA LYS A 115 2.67 -4.30 -24.40
C LYS A 115 2.98 -4.29 -22.91
N SER A 116 1.94 -4.34 -22.08
CA SER A 116 2.07 -4.38 -20.63
C SER A 116 1.48 -5.67 -20.10
N GLU A 117 2.21 -6.33 -19.21
CA GLU A 117 1.80 -7.61 -18.66
C GLU A 117 1.88 -7.59 -17.14
N LEU A 118 1.00 -8.34 -16.51
CA LEU A 118 0.95 -8.49 -15.06
C LEU A 118 1.33 -9.91 -14.69
N SER A 119 2.33 -10.06 -13.85
CA SER A 119 2.73 -11.39 -13.42
C SER A 119 1.93 -11.87 -12.22
N ASN A 120 2.04 -13.15 -11.92
CA ASN A 120 1.24 -13.76 -10.87
C ASN A 120 1.51 -13.11 -9.51
N ASN A 121 2.76 -12.82 -9.21
CA ASN A 121 3.14 -12.24 -7.92
C ASN A 121 2.72 -10.79 -7.77
N GLY A 122 2.28 -10.14 -8.85
CA GLY A 122 1.79 -8.78 -8.76
C GLY A 122 2.78 -7.74 -9.28
N VAL A 123 3.45 -8.05 -10.39
CA VAL A 123 4.41 -7.15 -11.01
C VAL A 123 3.90 -6.82 -12.40
N LEU A 124 3.73 -5.53 -12.69
CA LEU A 124 3.30 -5.05 -14.00
C LEU A 124 4.52 -4.58 -14.75
N THR A 125 4.78 -5.20 -15.91
CA THR A 125 5.94 -4.88 -16.73
C THR A 125 5.48 -4.26 -18.03
N VAL A 126 6.03 -3.09 -18.36
CA VAL A 126 5.74 -2.39 -19.60
C VAL A 126 6.95 -2.57 -20.52
N LYS A 127 6.75 -3.26 -21.63
CA LYS A 127 7.84 -3.61 -22.54
C LYS A 127 7.65 -2.91 -23.88
N TYR A 128 8.74 -2.37 -24.42
CA TYR A 128 8.74 -1.73 -25.71
C TYR A 128 10.01 -2.10 -26.47
N GLU A 129 9.87 -2.31 -27.78
CA GLU A 129 10.99 -2.62 -28.65
C GLU A 129 11.29 -1.42 -29.54
N LYS A 130 12.58 -1.15 -29.73
CA LYS A 130 12.99 0.06 -30.42
C LYS A 130 12.62 0.00 -31.90
N ASN A 131 12.95 1.08 -32.62
CA ASN A 131 12.50 1.26 -34.00
C ASN A 131 13.39 0.45 -34.94
N GLN A 132 13.10 -0.85 -35.02
CA GLN A 132 13.76 -1.72 -35.98
C GLN A 132 12.81 -2.60 -36.78
N GLU A 133 11.59 -2.84 -36.31
CA GLU A 133 10.63 -3.69 -37.01
C GLU A 133 9.23 -3.32 -36.51
N GLN A 134 8.25 -4.18 -36.82
CA GLN A 134 6.83 -3.93 -36.54
C GLN A 134 6.28 -2.77 -37.35
N GLN A 135 4.97 -2.76 -37.55
CA GLN A 135 4.26 -1.66 -38.17
C GLN A 135 3.05 -1.32 -37.30
N PRO A 136 2.51 -0.10 -37.41
CA PRO A 136 1.38 0.29 -36.56
C PRO A 136 0.11 -0.52 -36.79
N LYS A 137 0.15 -1.48 -37.69
CA LYS A 137 -1.01 -2.33 -37.93
C LYS A 137 -1.29 -3.21 -36.72
N SER A 138 -2.57 -3.31 -36.34
CA SER A 138 -3.00 -4.12 -35.20
C SER A 138 -4.34 -4.74 -35.53
N ILE A 139 -4.43 -6.07 -35.46
CA ILE A 139 -5.65 -6.80 -35.74
C ILE A 139 -6.05 -7.55 -34.47
N PRO A 140 -7.00 -7.02 -33.71
CA PRO A 140 -7.45 -7.71 -32.51
C PRO A 140 -8.53 -8.74 -32.81
N ILE A 141 -8.66 -9.70 -31.89
CA ILE A 141 -9.66 -10.75 -31.99
C ILE A 141 -10.35 -10.90 -30.63
N THR A 142 -11.53 -11.51 -30.66
CA THR A 142 -12.33 -11.67 -29.45
C THR A 142 -11.69 -12.70 -28.53
N ILE A 143 -11.59 -12.36 -27.24
CA ILE A 143 -11.04 -13.25 -26.22
C ILE A 143 -12.12 -13.45 -25.16
N VAL A 144 -12.53 -14.69 -24.96
CA VAL A 144 -13.56 -15.01 -23.97
C VAL A 144 -12.91 -15.07 -22.59
N PRO A 145 -13.41 -14.31 -21.61
CA PRO A 145 -12.83 -14.39 -20.27
C PRO A 145 -13.09 -15.74 -19.62
N LYS A 146 -12.16 -16.14 -18.75
CA LYS A 146 -12.21 -17.44 -18.07
C LYS A 146 -12.91 -17.26 -16.72
N ARG A 147 -14.22 -17.51 -16.71
CA ARG A 147 -14.99 -17.38 -15.48
C ARG A 147 -14.90 -18.64 -14.63
N ASN A 148 -15.36 -19.76 -15.16
CA ASN A 148 -15.37 -21.01 -14.41
C ASN A 148 -15.37 -22.22 -15.36
N ARG B 25 11.66 9.31 4.85
CA ARG B 25 12.22 10.62 5.13
C ARG B 25 12.71 11.30 3.85
N HIS B 26 14.01 11.55 3.78
CA HIS B 26 14.63 12.20 2.62
C HIS B 26 15.16 11.21 1.60
N MET B 27 15.00 9.90 1.83
CA MET B 27 15.49 8.90 0.89
C MET B 27 14.54 8.66 -0.27
N ILE B 28 13.37 9.30 -0.27
CA ILE B 28 12.48 9.20 -1.43
C ILE B 28 13.09 9.93 -2.63
N ARG B 29 13.78 11.05 -2.39
CA ARG B 29 14.32 11.86 -3.48
C ARG B 29 15.31 11.10 -4.36
N PRO B 30 16.30 10.36 -3.83
CA PRO B 30 17.23 9.65 -4.72
C PRO B 30 16.57 8.50 -5.45
N TYR B 31 15.73 8.84 -6.44
CA TYR B 31 15.01 7.85 -7.22
C TYR B 31 15.69 7.55 -8.56
N TRP B 32 16.80 8.23 -8.87
CA TRP B 32 17.50 7.98 -10.12
C TRP B 32 18.31 6.70 -10.01
N ALA B 33 18.12 5.79 -10.97
CA ALA B 33 18.80 4.50 -11.02
C ALA B 33 18.47 3.66 -9.79
N ASP B 34 17.55 4.14 -8.95
CA ASP B 34 17.15 3.50 -7.70
C ASP B 34 15.63 3.49 -7.60
N GLN B 35 14.98 3.00 -8.66
CA GLN B 35 13.52 2.96 -8.70
C GLN B 35 12.92 2.06 -7.62
N THR B 36 13.73 1.20 -7.01
CA THR B 36 13.29 0.37 -5.90
C THR B 36 13.49 1.06 -4.55
N MET B 37 13.76 2.36 -4.55
CA MET B 37 14.06 3.15 -3.35
C MET B 37 15.31 2.62 -2.66
N LEU B 38 15.75 3.28 -1.59
CA LEU B 38 16.84 2.72 -0.79
C LEU B 38 16.33 1.56 0.07
N THR B 39 15.16 1.72 0.67
CA THR B 39 14.54 0.67 1.47
C THR B 39 13.12 0.45 0.97
N GLY B 40 12.83 -0.78 0.55
CA GLY B 40 11.48 -1.12 0.12
C GLY B 40 10.49 -0.92 1.25
N HIS B 41 9.38 -0.23 0.96
CA HIS B 41 8.40 0.06 2.00
C HIS B 41 7.11 0.52 1.33
N ARG B 42 5.98 0.20 1.94
CA ARG B 42 4.67 0.60 1.44
C ARG B 42 4.02 1.55 2.45
N VAL B 43 3.25 2.50 1.91
CA VAL B 43 2.58 3.47 2.76
C VAL B 43 1.52 2.76 3.59
N GLY B 44 1.46 3.10 4.87
CA GLY B 44 0.51 2.47 5.77
C GLY B 44 1.03 1.20 6.41
N ASP B 45 2.25 1.24 6.92
CA ASP B 45 2.85 0.12 7.64
C ASP B 45 2.85 0.43 9.13
N ALA B 46 2.37 -0.51 9.93
CA ALA B 46 2.29 -0.35 11.37
C ALA B 46 2.68 -1.65 12.04
N ILE B 47 3.04 -1.57 13.32
CA ILE B 47 3.59 -2.72 14.02
C ILE B 47 2.51 -3.45 14.80
N ASP B 48 1.92 -2.78 15.79
CA ASP B 48 0.97 -3.45 16.67
C ASP B 48 0.13 -2.41 17.40
N VAL B 49 -1.07 -2.83 17.78
CA VAL B 49 -1.99 -2.01 18.58
C VAL B 49 -2.41 -2.84 19.79
N VAL B 50 -2.24 -2.28 20.98
CA VAL B 50 -2.62 -2.91 22.23
C VAL B 50 -3.84 -2.18 22.76
N ASN B 51 -4.96 -2.88 22.86
CA ASN B 51 -6.22 -2.30 23.31
C ASN B 51 -6.72 -3.10 24.51
N ASN B 52 -6.74 -2.46 25.68
CA ASN B 52 -7.26 -3.07 26.89
C ASN B 52 -7.73 -1.95 27.82
N ASP B 53 -8.08 -2.32 29.05
CA ASP B 53 -8.57 -1.34 30.02
C ASP B 53 -7.45 -0.54 30.67
N GLN B 54 -6.18 -0.91 30.45
CA GLN B 54 -5.06 -0.22 31.06
C GLN B 54 -4.37 0.75 30.12
N GLU B 55 -4.23 0.40 28.85
CA GLU B 55 -3.51 1.25 27.90
C GLU B 55 -4.09 1.06 26.51
N TYR B 56 -3.80 2.04 25.65
CA TYR B 56 -4.23 2.01 24.25
C TYR B 56 -3.09 2.59 23.42
N ASN B 57 -2.25 1.73 22.88
CA ASN B 57 -1.06 2.14 22.13
C ASN B 57 -1.21 1.76 20.67
N VAL B 58 -0.79 2.66 19.79
CA VAL B 58 -0.85 2.47 18.34
C VAL B 58 0.53 2.79 17.79
N SER B 59 1.24 1.77 17.30
CA SER B 59 2.58 1.94 16.74
C SER B 59 2.50 1.84 15.22
N VAL B 60 2.99 2.86 14.53
CA VAL B 60 2.93 2.94 13.08
C VAL B 60 4.33 3.22 12.55
N ASP B 61 4.72 2.50 11.50
CA ASP B 61 6.01 2.69 10.85
C ASP B 61 5.87 3.83 9.83
N VAL B 62 6.56 4.94 10.08
CA VAL B 62 6.45 6.13 9.23
C VAL B 62 7.83 6.49 8.70
N SER B 63 8.67 5.48 8.46
CA SER B 63 10.05 5.72 8.06
C SER B 63 10.18 6.38 6.69
N GLN B 64 9.12 6.37 5.87
CA GLN B 64 9.19 6.90 4.52
C GLN B 64 8.74 8.34 4.41
N PHE B 65 8.37 8.99 5.51
CA PHE B 65 7.93 10.38 5.50
C PHE B 65 8.78 11.21 6.45
N GLU B 66 9.06 12.43 6.05
CA GLU B 66 9.84 13.34 6.87
C GLU B 66 9.06 13.72 8.12
N PRO B 67 9.78 14.07 9.21
CA PRO B 67 9.06 14.46 10.44
C PRO B 67 8.09 15.61 10.25
N GLU B 68 8.42 16.57 9.39
CA GLU B 68 7.52 17.68 9.14
C GLU B 68 6.41 17.35 8.15
N GLU B 69 6.47 16.20 7.49
CA GLU B 69 5.45 15.78 6.55
C GLU B 69 4.43 14.82 7.17
N LEU B 70 4.51 14.56 8.46
CA LEU B 70 3.61 13.65 9.15
C LEU B 70 2.58 14.45 9.94
N LYS B 71 1.30 14.16 9.69
CA LYS B 71 0.20 14.84 10.35
C LYS B 71 -0.74 13.81 10.98
N VAL B 72 -1.08 14.03 12.25
CA VAL B 72 -2.01 13.18 12.98
C VAL B 72 -3.10 14.07 13.55
N ASN B 73 -4.36 13.74 13.26
CA ASN B 73 -5.48 14.52 13.72
C ASN B 73 -6.56 13.59 14.24
N ILE B 74 -7.41 14.12 15.13
CA ILE B 74 -8.52 13.37 15.70
C ILE B 74 -9.79 14.14 15.37
N VAL B 75 -10.66 13.53 14.56
CA VAL B 75 -11.89 14.16 14.10
C VAL B 75 -13.06 13.26 14.46
N ASP B 76 -14.09 13.84 15.08
CA ASP B 76 -15.30 13.12 15.48
C ASP B 76 -14.96 11.91 16.34
N ASN B 77 -14.10 12.13 17.33
CA ASN B 77 -13.68 11.08 18.28
C ASN B 77 -13.08 9.88 17.56
N GLN B 78 -12.28 10.14 16.52
CA GLN B 78 -11.66 9.07 15.76
C GLN B 78 -10.26 9.53 15.34
N LEU B 79 -9.29 8.63 15.49
CA LEU B 79 -7.90 8.95 15.21
C LEU B 79 -7.62 8.81 13.72
N ILE B 80 -7.03 9.85 13.13
CA ILE B 80 -6.67 9.86 11.71
C ILE B 80 -5.16 9.99 11.61
N ILE B 81 -4.54 9.09 10.85
CA ILE B 81 -3.11 9.12 10.60
C ILE B 81 -2.90 9.24 9.09
N GLU B 82 -2.25 10.33 8.68
CA GLU B 82 -2.02 10.59 7.27
C GLU B 82 -0.56 10.96 7.06
N GLY B 83 0.05 10.38 6.03
CA GLY B 83 1.41 10.71 5.67
C GLY B 83 1.53 11.00 4.20
N LYS B 84 1.95 12.23 3.86
CA LYS B 84 2.09 12.65 2.48
C LYS B 84 3.31 13.55 2.35
N HIS B 85 4.05 13.38 1.25
CA HIS B 85 5.22 14.19 0.98
C HIS B 85 5.13 14.73 -0.44
N ASN B 86 5.91 15.78 -0.69
CA ASN B 86 5.98 16.34 -2.03
C ASN B 86 6.59 15.34 -2.99
N GLU B 87 6.11 15.36 -4.23
CA GLU B 87 6.63 14.46 -5.26
C GLU B 87 8.11 14.72 -5.47
N LYS B 88 8.93 13.72 -5.19
CA LYS B 88 10.38 13.88 -5.22
C LYS B 88 10.89 13.57 -6.63
N THR B 89 11.37 14.59 -7.32
CA THR B 89 11.83 14.44 -8.68
C THR B 89 13.21 13.81 -8.73
N ASP B 90 13.58 13.30 -9.90
CA ASP B 90 14.87 12.67 -10.11
C ASP B 90 15.17 12.69 -11.61
N LYS B 91 16.16 11.89 -12.01
CA LYS B 91 16.59 11.88 -13.41
C LYS B 91 15.48 11.44 -14.35
N TYR B 92 14.77 10.36 -14.00
CA TYR B 92 13.82 9.76 -14.92
C TYR B 92 12.37 10.16 -14.63
N GLY B 93 11.89 9.90 -13.42
CA GLY B 93 10.50 10.18 -13.12
C GLY B 93 10.17 10.36 -11.66
N GLN B 94 9.53 11.48 -11.34
CA GLN B 94 9.24 11.85 -9.95
C GLN B 94 8.30 10.84 -9.29
N VAL B 95 8.44 10.70 -7.97
CA VAL B 95 7.68 9.75 -7.18
C VAL B 95 7.09 10.46 -5.98
N GLU B 96 5.86 10.09 -5.61
CA GLU B 96 5.16 10.70 -4.49
C GLU B 96 4.50 9.60 -3.65
N ARG B 97 4.41 9.85 -2.35
CA ARG B 97 3.73 8.96 -1.43
C ARG B 97 2.63 9.72 -0.69
N HIS B 98 1.45 9.13 -0.64
CA HIS B 98 0.30 9.74 0.03
C HIS B 98 -0.65 8.64 0.48
N PHE B 99 -0.96 8.62 1.76
CA PHE B 99 -1.89 7.64 2.30
C PHE B 99 -2.64 8.25 3.46
N VAL B 100 -3.84 7.74 3.71
CA VAL B 100 -4.67 8.15 4.85
C VAL B 100 -5.05 6.89 5.62
N ARG B 101 -4.59 6.80 6.87
CA ARG B 101 -4.92 5.67 7.73
C ARG B 101 -5.85 6.13 8.83
N LYS B 102 -6.91 5.35 9.06
CA LYS B 102 -7.95 5.70 10.02
C LYS B 102 -8.05 4.60 11.07
N TYR B 103 -7.97 4.99 12.33
CA TYR B 103 -8.15 4.08 13.46
C TYR B 103 -9.31 4.58 14.32
N ASN B 104 -10.25 3.69 14.60
CA ASN B 104 -11.38 4.03 15.45
C ASN B 104 -10.93 4.13 16.91
N LEU B 105 -11.38 5.19 17.59
CA LEU B 105 -11.03 5.37 18.99
C LEU B 105 -12.03 4.63 19.86
N PRO B 106 -11.58 3.71 20.71
CA PRO B 106 -12.52 2.98 21.57
C PRO B 106 -13.16 3.89 22.60
N THR B 107 -14.12 3.32 23.33
CA THR B 107 -14.84 4.07 24.36
C THR B 107 -13.90 4.46 25.49
N GLY B 108 -14.08 5.68 26.00
CA GLY B 108 -13.28 6.20 27.07
C GLY B 108 -12.00 6.89 26.64
N VAL B 109 -11.69 6.92 25.35
CA VAL B 109 -10.48 7.56 24.86
C VAL B 109 -10.69 9.07 24.81
N ARG B 110 -9.77 9.81 25.44
CA ARG B 110 -9.87 11.27 25.47
C ARG B 110 -8.89 11.86 24.48
N PRO B 111 -9.36 12.40 23.35
CA PRO B 111 -8.42 12.97 22.36
C PRO B 111 -7.65 14.18 22.87
N GLU B 112 -8.13 14.83 23.93
CA GLU B 112 -7.47 16.04 24.42
C GLU B 112 -6.11 15.75 25.06
N GLN B 113 -5.82 14.50 25.41
CA GLN B 113 -4.58 14.18 26.10
C GLN B 113 -3.96 12.89 25.58
N ILE B 114 -4.25 12.52 24.34
CA ILE B 114 -3.75 11.26 23.79
C ILE B 114 -2.24 11.32 23.68
N LYS B 115 -1.56 10.33 24.26
CA LYS B 115 -0.12 10.27 24.21
C LYS B 115 0.36 9.94 22.80
N SER B 116 1.59 10.35 22.50
CA SER B 116 2.16 10.12 21.19
C SER B 116 3.68 10.09 21.30
N GLU B 117 4.31 9.16 20.58
CA GLU B 117 5.75 9.01 20.59
C GLU B 117 6.22 8.66 19.19
N LEU B 118 7.36 9.22 18.80
CA LEU B 118 7.96 8.94 17.50
C LEU B 118 9.40 8.47 17.74
N SER B 119 9.63 7.17 17.60
CA SER B 119 10.95 6.62 17.81
C SER B 119 11.88 7.00 16.66
N ASN B 120 13.19 6.87 16.91
CA ASN B 120 14.19 7.26 15.93
C ASN B 120 14.27 6.31 14.75
N ASN B 121 13.64 5.13 14.82
CA ASN B 121 13.69 4.15 13.75
C ASN B 121 12.54 4.30 12.77
N GLY B 122 11.88 5.45 12.75
CA GLY B 122 10.77 5.66 11.83
C GLY B 122 9.46 5.07 12.27
N VAL B 123 9.32 4.72 13.55
CA VAL B 123 8.09 4.15 14.08
C VAL B 123 7.41 5.19 14.95
N LEU B 124 6.16 5.51 14.63
CA LEU B 124 5.36 6.46 15.39
C LEU B 124 4.42 5.70 16.30
N THR B 125 4.55 5.92 17.61
CA THR B 125 3.75 5.23 18.60
C THR B 125 2.77 6.21 19.22
N VAL B 126 1.47 5.92 19.10
CA VAL B 126 0.41 6.74 19.67
C VAL B 126 -0.17 5.97 20.85
N LYS B 127 0.05 6.48 22.06
CA LYS B 127 -0.31 5.78 23.28
C LYS B 127 -1.49 6.45 23.97
N TYR B 128 -2.09 5.72 24.90
CA TYR B 128 -3.20 6.23 25.69
C TYR B 128 -3.32 5.36 26.93
N GLU B 129 -2.98 5.91 28.10
CA GLU B 129 -2.91 5.15 29.33
C GLU B 129 -4.20 5.18 30.15
N LYS B 130 -5.23 5.87 29.66
CA LYS B 130 -6.58 5.86 30.23
C LYS B 130 -6.68 6.64 31.53
N ASN B 131 -5.54 7.05 32.09
CA ASN B 131 -5.47 7.79 33.34
C ASN B 131 -6.35 7.17 34.42
N GLN B 132 -6.20 5.86 34.60
CA GLN B 132 -7.00 5.08 35.54
C GLN B 132 -6.13 4.51 36.66
N GLU B 133 -5.22 5.33 37.17
CA GLU B 133 -4.34 4.94 38.26
C GLU B 133 -4.84 5.43 39.61
N GLN B 134 -6.08 5.90 39.67
CA GLN B 134 -6.63 6.43 40.91
C GLN B 134 -6.78 5.32 41.95
N GLN B 135 -6.55 5.67 43.21
CA GLN B 135 -6.68 4.71 44.30
C GLN B 135 -8.15 4.59 44.70
N PRO B 136 -8.70 3.37 44.72
CA PRO B 136 -10.10 3.21 45.13
C PRO B 136 -10.32 3.54 46.61
N LYS B 137 -11.09 4.59 46.87
CA LYS B 137 -11.36 4.97 48.25
C LYS B 137 -12.33 4.01 48.93
N SER B 138 -13.17 3.33 48.15
CA SER B 138 -14.20 2.45 48.70
C SER B 138 -13.53 1.21 49.27
N ILE B 139 -13.28 1.21 50.57
CA ILE B 139 -12.67 0.08 51.26
C ILE B 139 -13.61 -0.36 52.38
N PRO B 140 -14.56 -1.26 52.11
CA PRO B 140 -15.46 -1.71 53.17
C PRO B 140 -14.72 -2.56 54.19
N ILE B 141 -14.85 -2.19 55.46
CA ILE B 141 -14.14 -2.90 56.53
C ILE B 141 -15.12 -3.45 57.56
N THR B 142 -15.83 -2.57 58.25
CA THR B 142 -16.61 -2.97 59.42
C THR B 142 -18.10 -2.79 59.24
N ILE B 143 -18.58 -1.59 58.96
CA ILE B 143 -20.01 -1.31 58.97
C ILE B 143 -20.28 -0.05 58.16
N VAL B 144 -21.36 -0.07 57.40
CA VAL B 144 -21.90 1.03 56.60
C VAL B 144 -20.81 1.95 56.06
N PRO B 145 -19.92 1.47 55.21
CA PRO B 145 -18.91 2.37 54.63
C PRO B 145 -19.51 3.51 53.83
N LYS B 146 -20.62 3.27 53.14
CA LYS B 146 -21.37 4.29 52.41
C LYS B 146 -20.44 4.94 51.37
N ARG B 147 -20.72 6.19 51.02
CA ARG B 147 -19.91 6.93 50.05
C ARG B 147 -19.67 8.34 50.58
N ASN B 148 -18.40 8.73 50.62
CA ASN B 148 -17.98 10.03 51.13
C ASN B 148 -18.47 10.27 52.56
#